data_3IC5
#
_entry.id   3IC5
#
_cell.length_a   54.368
_cell.length_b   57.803
_cell.length_c   73.184
_cell.angle_alpha   90.000
_cell.angle_beta   90.000
_cell.angle_gamma   90.000
#
_symmetry.space_group_name_H-M   'P 21 21 21'
#
loop_
_entity.id
_entity.type
_entity.pdbx_description
1 polymer 'putative saccharopine dehydrogenase'
2 water water
#
_entity_poly.entity_id   1
_entity_poly.type   'polypeptide(L)'
_entity_poly.pdbx_seq_one_letter_code
;SNA(MSE)RWNICVVGAGKIGQ(MSE)IAALLKTSSNYSVTVADHDLAALAVLNR(MSE)GVATKQVDAKDEAGLAKALG
GFDAVISAAPFFLTPIIAKAAKAAGAHYFDLTEDVAATNAVRALVEDSQT
;
_entity_poly.pdbx_strand_id   A,B
#
# COMPACT_ATOMS: atom_id res chain seq x y z
N ASN A 2 2.94 35.25 8.04
CA ASN A 2 3.69 34.01 7.55
C ASN A 2 3.09 32.69 8.10
N ALA A 3 3.28 32.45 9.42
CA ALA A 3 2.96 31.14 10.07
C ALA A 3 1.53 30.72 9.89
N MSE A 4 0.84 31.28 8.89
CA MSE A 4 -0.43 30.78 8.40
C MSE A 4 -0.25 29.73 7.26
O MSE A 4 -1.22 29.40 6.56
CB MSE A 4 -1.28 31.96 7.90
CG MSE A 4 -1.49 33.10 8.97
SE MSE A 4 -2.39 32.43 10.61
CE MSE A 4 -4.05 31.74 9.83
N ARG A 5 0.97 29.23 7.06
CA ARG A 5 1.20 28.20 6.05
C ARG A 5 0.48 26.90 6.36
N TRP A 6 0.00 26.23 5.32
CA TRP A 6 -0.52 24.87 5.47
C TRP A 6 0.66 23.97 5.73
N ASN A 7 0.60 23.18 6.79
CA ASN A 7 1.68 22.34 7.18
C ASN A 7 1.42 20.92 6.67
N ILE A 8 2.27 20.46 5.75
CA ILE A 8 1.99 19.22 4.98
C ILE A 8 3.02 18.19 5.39
N CYS A 9 2.60 16.94 5.56
CA CYS A 9 3.56 15.84 5.69
C CYS A 9 3.39 14.92 4.51
N VAL A 10 4.51 14.70 3.81
CA VAL A 10 4.52 13.87 2.61
C VAL A 10 5.08 12.54 3.09
N VAL A 11 4.33 11.46 2.91
CA VAL A 11 4.81 10.16 3.41
C VAL A 11 5.35 9.38 2.22
N GLY A 12 6.66 9.10 2.22
CA GLY A 12 7.35 8.55 1.07
C GLY A 12 8.40 9.49 0.42
N ALA A 13 9.65 9.05 0.41
CA ALA A 13 10.74 9.85 -0.10
C ALA A 13 11.24 9.45 -1.50
N GLY A 14 10.38 8.84 -2.30
CA GLY A 14 10.75 8.45 -3.63
C GLY A 14 10.62 9.61 -4.58
N LYS A 15 10.55 9.30 -5.87
CA LYS A 15 10.60 10.33 -6.88
C LYS A 15 9.52 11.39 -6.69
N ILE A 16 8.27 10.93 -6.56
CA ILE A 16 7.15 11.87 -6.44
C ILE A 16 7.19 12.62 -5.10
N GLY A 17 7.64 11.93 -4.07
CA GLY A 17 7.87 12.56 -2.76
C GLY A 17 8.85 13.73 -2.93
N GLN A 18 9.95 13.49 -3.65
CA GLN A 18 10.91 14.52 -3.84
C GLN A 18 10.27 15.67 -4.61
N MSE A 19 9.51 15.38 -5.67
CA MSE A 19 8.95 16.43 -6.49
C MSE A 19 7.95 17.30 -5.69
O MSE A 19 8.03 18.52 -5.74
CB MSE A 19 8.26 15.86 -7.75
CG MSE A 19 9.25 15.21 -8.70
SE MSE A 19 8.34 14.07 -10.02
CE MSE A 19 7.89 15.60 -11.13
N ILE A 20 7.05 16.68 -4.97
CA ILE A 20 6.01 17.41 -4.30
C ILE A 20 6.66 18.18 -3.15
N ALA A 21 7.64 17.59 -2.49
CA ALA A 21 8.41 18.32 -1.50
C ALA A 21 9.01 19.63 -2.07
N ALA A 22 9.66 19.57 -3.26
CA ALA A 22 10.37 20.72 -3.82
C ALA A 22 9.35 21.78 -4.21
N LEU A 23 8.22 21.35 -4.74
CA LEU A 23 7.10 22.26 -5.06
C LEU A 23 6.62 23.02 -3.84
N LEU A 24 6.31 22.27 -2.78
CA LEU A 24 5.80 22.83 -1.52
C LEU A 24 6.83 23.73 -0.87
N LYS A 25 8.08 23.24 -0.83
CA LYS A 25 9.16 24.04 -0.34
C LYS A 25 9.25 25.42 -1.02
N THR A 26 9.07 25.48 -2.33
CA THR A 26 9.18 26.74 -3.05
C THR A 26 7.94 27.65 -2.85
N SER A 27 6.83 27.11 -2.39
CA SER A 27 5.61 27.90 -2.30
C SER A 27 5.65 28.86 -1.12
N SER A 28 4.84 29.91 -1.18
CA SER A 28 4.77 30.79 -0.01
CA SER A 28 4.66 30.88 -0.10
C SER A 28 3.64 30.42 0.96
N ASN A 29 2.74 29.53 0.55
CA ASN A 29 1.64 29.13 1.40
C ASN A 29 1.75 27.75 2.04
N TYR A 30 2.88 27.05 1.89
CA TYR A 30 3.01 25.67 2.42
C TYR A 30 4.30 25.44 3.17
N SER A 31 4.22 24.53 4.15
CA SER A 31 5.38 23.95 4.80
C SER A 31 5.36 22.47 4.58
N VAL A 32 6.52 21.86 4.42
CA VAL A 32 6.57 20.47 4.13
C VAL A 32 7.58 19.77 4.97
N THR A 33 7.18 18.59 5.43
CA THR A 33 8.03 17.61 6.06
C THR A 33 7.86 16.26 5.31
N VAL A 34 8.95 15.53 5.11
CA VAL A 34 8.82 14.25 4.42
C VAL A 34 9.11 13.18 5.40
N ALA A 35 8.21 12.21 5.48
CA ALA A 35 8.42 11.06 6.38
C ALA A 35 8.67 9.81 5.55
N ASP A 36 9.69 9.04 5.93
CA ASP A 36 10.05 7.77 5.26
C ASP A 36 10.79 6.87 6.25
N HIS A 37 10.86 5.58 5.93
CA HIS A 37 11.60 4.61 6.75
C HIS A 37 13.10 4.58 6.43
N ASP A 38 13.46 5.09 5.26
CA ASP A 38 14.83 4.95 4.73
C ASP A 38 15.67 6.20 4.99
N LEU A 39 16.68 6.08 5.84
CA LEU A 39 17.47 7.21 6.22
C LEU A 39 18.35 7.79 5.05
N ALA A 40 18.80 6.95 4.11
CA ALA A 40 19.52 7.48 2.91
C ALA A 40 18.55 8.26 2.00
N ALA A 41 17.37 7.70 1.79
CA ALA A 41 16.33 8.40 1.04
C ALA A 41 16.08 9.77 1.66
N LEU A 42 16.05 9.84 2.99
CA LEU A 42 15.74 11.09 3.70
C LEU A 42 16.88 12.08 3.49
N ALA A 43 18.12 11.55 3.50
CA ALA A 43 19.34 12.35 3.25
C ALA A 43 19.27 13.19 1.98
N VAL A 44 18.81 12.58 0.89
CA VAL A 44 18.42 13.30 -0.32
C VAL A 44 17.57 14.56 -0.03
N LEU A 45 16.41 14.40 0.63
CA LEU A 45 15.56 15.54 1.07
C LEU A 45 16.27 16.57 1.95
N ASN A 46 17.13 16.09 2.84
CA ASN A 46 17.93 17.01 3.65
CA ASN A 46 17.94 16.99 3.66
C ASN A 46 18.90 17.78 2.76
N ARG A 47 19.35 17.16 1.67
CA ARG A 47 20.23 17.83 0.72
C ARG A 47 19.45 18.79 -0.19
N MSE A 48 18.14 18.87 0.03
CA MSE A 48 17.27 19.83 -0.61
C MSE A 48 16.76 20.91 0.36
O MSE A 48 16.05 21.81 -0.07
CB MSE A 48 16.07 19.10 -1.23
CG MSE A 48 16.37 18.43 -2.51
SE MSE A 48 15.05 17.10 -2.97
CE MSE A 48 13.45 18.30 -3.02
N GLY A 49 17.12 20.84 1.64
CA GLY A 49 16.60 21.78 2.64
C GLY A 49 15.21 21.43 3.15
N VAL A 50 14.81 20.17 3.02
CA VAL A 50 13.49 19.73 3.49
C VAL A 50 13.58 19.01 4.85
N ALA A 51 12.72 19.41 5.78
CA ALA A 51 12.62 18.72 7.05
C ALA A 51 12.08 17.29 6.84
N THR A 52 12.65 16.37 7.60
CA THR A 52 12.32 14.97 7.46
C THR A 52 12.11 14.34 8.82
N LYS A 53 11.54 13.14 8.78
CA LYS A 53 11.18 12.39 9.98
C LYS A 53 11.16 10.91 9.60
N GLN A 54 11.80 10.06 10.39
CA GLN A 54 11.77 8.62 10.11
C GLN A 54 10.53 8.01 10.71
N VAL A 55 9.89 7.16 9.94
CA VAL A 55 8.67 6.51 10.39
C VAL A 55 8.78 5.07 9.95
N ASP A 56 7.82 4.26 10.41
CA ASP A 56 7.72 2.86 10.07
C ASP A 56 6.22 2.56 10.06
N ALA A 57 5.72 2.27 8.86
CA ALA A 57 4.30 2.03 8.63
C ALA A 57 3.80 0.72 9.28
N LYS A 58 4.69 -0.14 9.76
CA LYS A 58 4.28 -1.31 10.52
C LYS A 58 3.94 -0.96 11.95
N ASP A 59 4.30 0.23 12.38
CA ASP A 59 3.98 0.69 13.70
C ASP A 59 2.94 1.81 13.54
N GLU A 60 1.68 1.40 13.53
CA GLU A 60 0.57 2.29 13.32
C GLU A 60 0.36 3.41 14.36
N ALA A 61 0.51 3.10 15.63
CA ALA A 61 0.39 4.13 16.66
C ALA A 61 1.52 5.12 16.48
N GLY A 62 2.72 4.60 16.23
CA GLY A 62 3.88 5.44 15.88
C GLY A 62 3.59 6.39 14.73
N LEU A 63 3.04 5.84 13.65
CA LEU A 63 2.76 6.63 12.44
C LEU A 63 1.71 7.71 12.72
N ALA A 64 0.64 7.32 13.40
CA ALA A 64 -0.33 8.31 13.82
C ALA A 64 0.35 9.48 14.54
N LYS A 65 1.20 9.14 15.51
CA LYS A 65 1.88 10.13 16.32
CA LYS A 65 1.89 10.14 16.33
C LYS A 65 2.82 10.94 15.46
N ALA A 66 3.48 10.27 14.52
CA ALA A 66 4.38 11.01 13.61
C ALA A 66 3.60 12.02 12.72
N LEU A 67 2.34 11.73 12.40
CA LEU A 67 1.54 12.65 11.60
C LEU A 67 0.81 13.75 12.38
N GLY A 68 0.94 13.78 13.70
CA GLY A 68 0.37 14.89 14.50
C GLY A 68 0.88 16.26 14.12
N GLY A 69 0.01 17.27 14.18
CA GLY A 69 0.38 18.68 13.95
C GLY A 69 0.39 19.11 12.50
N PHE A 70 -0.04 18.24 11.61
CA PHE A 70 -0.04 18.59 10.19
C PHE A 70 -1.46 18.91 9.77
N ASP A 71 -1.59 19.88 8.87
CA ASP A 71 -2.88 20.21 8.21
C ASP A 71 -3.31 19.08 7.27
N ALA A 72 -2.36 18.50 6.52
CA ALA A 72 -2.66 17.41 5.58
C ALA A 72 -1.44 16.52 5.38
N VAL A 73 -1.72 15.30 4.97
CA VAL A 73 -0.75 14.27 4.71
C VAL A 73 -0.99 13.85 3.24
N ILE A 74 0.09 13.88 2.47
CA ILE A 74 0.10 13.44 1.09
C ILE A 74 0.85 12.12 1.01
N SER A 75 0.21 11.07 0.53
CA SER A 75 0.95 9.85 0.26
C SER A 75 1.81 10.06 -0.97
N ALA A 76 3.10 9.70 -0.85
CA ALA A 76 3.98 9.55 -1.95
C ALA A 76 4.55 8.11 -1.84
N ALA A 77 3.68 7.25 -1.31
CA ALA A 77 4.03 5.88 -0.95
C ALA A 77 3.28 4.92 -1.86
N PRO A 78 3.64 3.62 -1.86
CA PRO A 78 2.91 2.71 -2.76
C PRO A 78 1.45 2.63 -2.44
N PHE A 79 0.63 2.42 -3.45
CA PHE A 79 -0.81 2.31 -3.24
C PHE A 79 -1.16 1.34 -2.08
N PHE A 80 -0.38 0.27 -1.89
CA PHE A 80 -0.78 -0.72 -0.89
C PHE A 80 -0.69 -0.22 0.54
N LEU A 81 -0.06 0.93 0.79
CA LEU A 81 0.01 1.51 2.13
C LEU A 81 -1.08 2.58 2.33
N THR A 82 -1.91 2.81 1.32
CA THR A 82 -2.93 3.85 1.46
C THR A 82 -3.87 3.61 2.67
N PRO A 83 -4.33 2.36 2.88
CA PRO A 83 -5.21 2.13 4.06
C PRO A 83 -4.51 2.47 5.38
N ILE A 84 -3.25 2.09 5.52
CA ILE A 84 -2.50 2.40 6.72
C ILE A 84 -2.25 3.93 6.89
N ILE A 85 -1.78 4.60 5.85
CA ILE A 85 -1.48 6.02 5.96
C ILE A 85 -2.78 6.84 6.17
N ALA A 86 -3.85 6.49 5.48
CA ALA A 86 -5.11 7.20 5.64
C ALA A 86 -5.62 7.05 7.08
N LYS A 87 -5.47 5.88 7.65
CA LYS A 87 -5.94 5.65 9.04
C LYS A 87 -5.13 6.49 10.03
N ALA A 88 -3.82 6.56 9.81
CA ALA A 88 -2.94 7.29 10.71
C ALA A 88 -3.22 8.80 10.59
N ALA A 89 -3.42 9.25 9.35
CA ALA A 89 -3.77 10.64 9.05
C ALA A 89 -5.08 11.04 9.76
N LYS A 90 -6.09 10.19 9.65
CA LYS A 90 -7.34 10.49 10.29
C LYS A 90 -7.13 10.52 11.83
N ALA A 91 -6.40 9.55 12.38
CA ALA A 91 -6.14 9.52 13.82
C ALA A 91 -5.39 10.78 14.25
N ALA A 92 -4.53 11.32 13.39
CA ALA A 92 -3.75 12.52 13.70
C ALA A 92 -4.52 13.84 13.54
N GLY A 93 -5.77 13.78 13.04
CA GLY A 93 -6.55 15.00 12.69
C GLY A 93 -6.04 15.69 11.42
N ALA A 94 -5.36 15.00 10.53
CA ALA A 94 -4.91 15.67 9.29
C ALA A 94 -5.76 15.15 8.13
N HIS A 95 -6.05 16.04 7.19
CA HIS A 95 -6.67 15.63 5.90
C HIS A 95 -5.68 14.78 5.13
N TYR A 96 -6.19 13.85 4.31
CA TYR A 96 -5.40 12.85 3.63
C TYR A 96 -5.60 13.04 2.11
N PHE A 97 -4.50 13.19 1.38
CA PHE A 97 -4.45 13.31 -0.09
C PHE A 97 -3.69 12.11 -0.69
N ASP A 98 -4.41 11.25 -1.40
CA ASP A 98 -3.88 9.93 -1.85
C ASP A 98 -3.17 9.97 -3.23
N LEU A 99 -2.13 10.77 -3.33
CA LEU A 99 -1.37 10.91 -4.58
C LEU A 99 -0.69 9.56 -4.97
N THR A 100 0.06 9.01 -4.03
CA THR A 100 0.86 7.73 -4.13
C THR A 100 2.18 7.96 -4.90
N GLU A 101 3.04 6.97 -4.86
CA GLU A 101 4.39 7.06 -5.41
C GLU A 101 4.36 6.93 -6.95
N ASP A 102 3.28 6.35 -7.47
CA ASP A 102 3.18 5.94 -8.90
C ASP A 102 1.70 6.04 -9.31
N VAL A 103 1.37 7.18 -9.90
CA VAL A 103 0.01 7.56 -10.23
C VAL A 103 -0.62 6.65 -11.30
N ALA A 104 0.19 6.25 -12.28
CA ALA A 104 -0.31 5.39 -13.34
C ALA A 104 -0.73 4.06 -12.74
N ALA A 105 0.12 3.47 -11.91
CA ALA A 105 -0.21 2.18 -11.32
C ALA A 105 -1.43 2.28 -10.38
N THR A 106 -1.44 3.34 -9.59
CA THR A 106 -2.53 3.52 -8.65
C THR A 106 -3.82 3.71 -9.44
N ASN A 107 -3.77 4.53 -10.50
CA ASN A 107 -4.96 4.68 -11.33
C ASN A 107 -5.44 3.37 -11.91
N ALA A 108 -4.51 2.48 -12.25
CA ALA A 108 -4.92 1.19 -12.87
C ALA A 108 -5.58 0.32 -11.78
N VAL A 109 -5.04 0.37 -10.57
CA VAL A 109 -5.65 -0.36 -9.45
C VAL A 109 -7.05 0.20 -9.20
N ARG A 110 -7.16 1.54 -9.16
CA ARG A 110 -8.46 2.23 -9.01
C ARG A 110 -9.45 1.80 -10.06
N ALA A 111 -9.01 1.70 -11.32
CA ALA A 111 -9.90 1.23 -12.39
C ALA A 111 -10.40 -0.22 -12.18
N LEU A 112 -9.51 -1.14 -11.80
CA LEU A 112 -9.93 -2.50 -11.37
C LEU A 112 -11.04 -2.46 -10.31
N VAL A 113 -10.73 -1.87 -9.17
CA VAL A 113 -11.70 -1.72 -8.09
C VAL A 113 -13.09 -1.27 -8.62
N GLU A 114 -13.10 -0.49 -9.72
CA GLU A 114 -14.34 0.07 -10.27
CA GLU A 114 -14.32 0.08 -10.30
C GLU A 114 -14.90 -0.77 -11.41
N ASP A 115 -14.02 -1.45 -12.14
CA ASP A 115 -14.44 -2.38 -13.18
C ASP A 115 -14.94 -3.66 -12.51
N SER A 116 -15.89 -3.49 -11.59
CA SER A 116 -16.38 -4.56 -10.73
C SER A 116 -17.90 -4.46 -10.61
N MSE B 4 15.13 -2.63 -5.83
CA MSE B 4 14.48 -1.30 -6.00
C MSE B 4 12.96 -1.47 -5.90
O MSE B 4 12.31 -0.92 -5.00
CB MSE B 4 14.87 -0.68 -7.35
CG MSE B 4 13.80 0.32 -7.87
SE MSE B 4 13.99 0.97 -9.71
CE MSE B 4 12.09 1.36 -10.03
N ARG B 5 12.41 -2.29 -6.81
CA ARG B 5 10.96 -2.51 -6.87
C ARG B 5 10.40 -3.12 -5.61
N TRP B 6 9.15 -2.76 -5.29
CA TRP B 6 8.44 -3.41 -4.21
C TRP B 6 8.06 -4.83 -4.63
N ASN B 7 8.26 -5.78 -3.72
CA ASN B 7 7.99 -7.17 -3.97
C ASN B 7 6.62 -7.57 -3.37
N ILE B 8 5.68 -7.88 -4.26
CA ILE B 8 4.30 -8.12 -3.90
C ILE B 8 3.90 -9.58 -4.19
N CYS B 9 3.23 -10.18 -3.20
CA CYS B 9 2.63 -11.46 -3.39
C CYS B 9 1.12 -11.33 -3.49
N VAL B 10 0.55 -11.67 -4.62
CA VAL B 10 -0.88 -11.74 -4.75
C VAL B 10 -1.41 -13.15 -4.37
N VAL B 11 -2.25 -13.22 -3.33
CA VAL B 11 -2.80 -14.51 -2.88
C VAL B 11 -4.19 -14.69 -3.48
N GLY B 12 -4.25 -15.59 -4.46
CA GLY B 12 -5.48 -15.80 -5.22
C GLY B 12 -5.27 -15.68 -6.71
N ALA B 13 -5.49 -16.76 -7.45
CA ALA B 13 -5.31 -16.72 -8.91
C ALA B 13 -6.63 -16.69 -9.71
N GLY B 14 -7.70 -16.16 -9.11
CA GLY B 14 -8.94 -15.89 -9.86
C GLY B 14 -8.77 -14.66 -10.72
N LYS B 15 -9.88 -14.16 -11.26
CA LYS B 15 -9.82 -13.11 -12.26
C LYS B 15 -9.14 -11.81 -11.79
N ILE B 16 -9.50 -11.33 -10.60
CA ILE B 16 -8.91 -10.12 -10.06
C ILE B 16 -7.40 -10.34 -9.85
N GLY B 17 -7.04 -11.53 -9.38
CA GLY B 17 -5.66 -11.89 -9.05
C GLY B 17 -4.86 -11.81 -10.32
N GLN B 18 -5.45 -12.31 -11.40
CA GLN B 18 -4.86 -12.24 -12.70
C GLN B 18 -4.68 -10.81 -13.23
N MSE B 19 -5.70 -9.98 -13.06
N MSE B 19 -5.72 -10.00 -13.08
CA MSE B 19 -5.65 -8.62 -13.56
CA MSE B 19 -5.69 -8.62 -13.54
C MSE B 19 -4.66 -7.79 -12.73
C MSE B 19 -4.68 -7.80 -12.73
O MSE B 19 -3.89 -7.00 -13.26
O MSE B 19 -3.94 -6.99 -13.28
CB MSE B 19 -7.04 -7.99 -13.55
CB MSE B 19 -7.09 -8.00 -13.48
CG MSE B 19 -8.07 -8.74 -14.37
CG MSE B 19 -8.05 -8.54 -14.52
SE MSE B 19 -9.85 -8.05 -14.03
SE MSE B 19 -7.53 -7.98 -16.30
CE MSE B 19 -9.59 -6.37 -14.96
CE MSE B 19 -8.34 -6.19 -16.31
N ILE B 20 -4.65 -8.01 -11.42
CA ILE B 20 -3.71 -7.28 -10.58
CA ILE B 20 -3.71 -7.25 -10.60
C ILE B 20 -2.28 -7.66 -10.96
N ALA B 21 -2.07 -8.96 -11.17
CA ALA B 21 -0.74 -9.43 -11.57
C ALA B 21 -0.31 -8.81 -12.87
N ALA B 22 -1.18 -8.82 -13.89
CA ALA B 22 -0.85 -8.24 -15.20
C ALA B 22 -0.48 -6.76 -15.04
N LEU B 23 -1.27 -6.06 -14.25
CA LEU B 23 -1.02 -4.64 -13.95
C LEU B 23 0.35 -4.42 -13.27
N LEU B 24 0.65 -5.18 -12.24
CA LEU B 24 1.90 -4.97 -11.48
C LEU B 24 3.11 -5.34 -12.33
N LYS B 25 2.94 -6.40 -13.10
CA LYS B 25 4.00 -6.91 -13.98
C LYS B 25 4.50 -5.83 -14.96
N THR B 26 3.59 -5.11 -15.59
CA THR B 26 4.02 -4.09 -16.53
C THR B 26 4.35 -2.76 -15.82
N SER B 27 4.26 -2.70 -14.49
CA SER B 27 4.50 -1.46 -13.74
C SER B 27 5.98 -1.12 -13.76
N SER B 28 6.35 0.02 -13.19
CA SER B 28 7.77 0.41 -13.10
C SER B 28 8.38 0.32 -11.67
N ASN B 29 7.56 -0.03 -10.68
CA ASN B 29 7.97 -0.01 -9.31
C ASN B 29 7.66 -1.29 -8.52
N TYR B 30 6.96 -2.25 -9.14
CA TYR B 30 6.47 -3.46 -8.42
C TYR B 30 6.92 -4.74 -9.15
N SER B 31 7.18 -5.80 -8.38
CA SER B 31 7.33 -7.17 -8.85
C SER B 31 6.21 -7.96 -8.21
N VAL B 32 5.72 -8.96 -8.92
CA VAL B 32 4.60 -9.72 -8.45
C VAL B 32 4.84 -11.21 -8.56
N THR B 33 4.42 -11.93 -7.51
CA THR B 33 4.28 -13.39 -7.46
C THR B 33 2.83 -13.72 -7.11
N VAL B 34 2.25 -14.73 -7.76
CA VAL B 34 0.91 -15.20 -7.43
C VAL B 34 0.91 -16.51 -6.70
N ALA B 35 0.28 -16.50 -5.52
CA ALA B 35 0.21 -17.67 -4.65
C ALA B 35 -1.24 -18.19 -4.73
N ASP B 36 -1.36 -19.51 -4.86
CA ASP B 36 -2.68 -20.18 -4.89
C ASP B 36 -2.51 -21.68 -4.57
N HIS B 37 -3.62 -22.34 -4.33
CA HIS B 37 -3.63 -23.78 -4.08
C HIS B 37 -3.76 -24.58 -5.39
N ASP B 38 -4.32 -23.95 -6.43
CA ASP B 38 -4.68 -24.65 -7.67
C ASP B 38 -3.54 -24.57 -8.72
N LEU B 39 -2.85 -25.68 -8.97
CA LEU B 39 -1.82 -25.76 -10.04
C LEU B 39 -2.20 -25.28 -11.44
N ALA B 40 -3.49 -25.41 -11.79
CA ALA B 40 -4.01 -25.06 -13.13
C ALA B 40 -4.48 -23.62 -13.15
N ALA B 41 -4.72 -23.06 -11.97
CA ALA B 41 -4.94 -21.64 -11.83
C ALA B 41 -3.60 -20.95 -12.04
N LEU B 42 -2.53 -21.61 -11.54
CA LEU B 42 -1.17 -21.10 -11.60
C LEU B 42 -0.56 -21.41 -12.97
N ALA B 43 -1.42 -21.50 -13.98
CA ALA B 43 -0.94 -21.85 -15.34
C ALA B 43 -1.26 -20.66 -16.24
N VAL B 44 -2.52 -20.22 -16.16
CA VAL B 44 -2.90 -18.90 -16.64
C VAL B 44 -1.77 -17.90 -16.32
N LEU B 45 -1.24 -17.98 -15.11
CA LEU B 45 -0.13 -17.15 -14.68
C LEU B 45 1.24 -17.58 -15.20
N ASN B 46 1.47 -18.88 -15.31
CA ASN B 46 2.84 -19.40 -15.27
C ASN B 46 3.49 -19.78 -16.60
N ARG B 47 2.80 -20.50 -17.49
CA ARG B 47 3.34 -20.63 -18.85
C ARG B 47 3.55 -19.20 -19.34
N MSE B 48 2.87 -18.25 -18.71
CA MSE B 48 3.09 -16.86 -19.03
C MSE B 48 4.19 -16.22 -18.19
O MSE B 48 5.13 -16.92 -17.75
CB MSE B 48 1.76 -16.11 -19.07
CG MSE B 48 1.34 -16.02 -20.52
SE MSE B 48 -0.47 -15.44 -20.80
CE MSE B 48 -0.51 -13.90 -19.61
N GLY B 49 4.15 -14.92 -18.00
CA GLY B 49 5.30 -14.23 -17.44
C GLY B 49 5.45 -14.34 -15.92
N VAL B 50 4.39 -14.78 -15.24
CA VAL B 50 4.26 -14.53 -13.81
C VAL B 50 4.79 -15.64 -12.92
N ALA B 51 5.65 -15.23 -12.00
CA ALA B 51 6.08 -16.08 -10.93
C ALA B 51 4.86 -16.56 -10.13
N THR B 52 4.86 -17.84 -9.83
CA THR B 52 3.79 -18.43 -9.04
C THR B 52 4.35 -19.25 -7.91
N LYS B 53 3.48 -19.61 -6.98
CA LYS B 53 3.87 -20.32 -5.78
C LYS B 53 2.63 -21.06 -5.23
N GLN B 54 2.70 -22.38 -5.08
CA GLN B 54 1.54 -23.10 -4.54
C GLN B 54 1.50 -22.95 -3.01
N VAL B 55 0.33 -22.59 -2.48
CA VAL B 55 0.15 -22.47 -0.99
C VAL B 55 -1.08 -23.26 -0.56
N ASP B 56 -1.17 -23.58 0.74
CA ASP B 56 -2.41 -24.09 1.38
C ASP B 56 -2.86 -23.17 2.50
N ALA B 57 -4.01 -22.50 2.33
CA ALA B 57 -4.50 -21.57 3.35
C ALA B 57 -4.89 -22.29 4.62
N LYS B 58 -5.06 -23.60 4.56
CA LYS B 58 -5.26 -24.34 5.79
C LYS B 58 -3.94 -24.57 6.57
N ASP B 59 -2.79 -24.33 5.95
CA ASP B 59 -1.53 -24.59 6.62
C ASP B 59 -0.95 -23.25 6.96
N GLU B 60 -1.17 -22.81 8.18
CA GLU B 60 -0.87 -21.46 8.52
C GLU B 60 0.62 -21.14 8.61
N ALA B 61 1.38 -22.11 9.13
CA ALA B 61 2.82 -21.97 9.28
C ALA B 61 3.43 -21.98 7.88
N GLY B 62 2.96 -22.89 7.05
CA GLY B 62 3.33 -22.91 5.65
C GLY B 62 2.99 -21.63 4.90
N LEU B 63 1.83 -21.05 5.16
CA LEU B 63 1.44 -19.84 4.44
C LEU B 63 2.36 -18.66 4.83
N ALA B 64 2.62 -18.52 6.11
CA ALA B 64 3.55 -17.53 6.60
C ALA B 64 4.96 -17.63 5.97
N LYS B 65 5.49 -18.85 5.87
CA LYS B 65 6.83 -19.04 5.31
C LYS B 65 6.76 -18.67 3.83
N ALA B 66 5.70 -19.13 3.15
CA ALA B 66 5.49 -18.83 1.76
C ALA B 66 5.40 -17.32 1.51
N LEU B 67 4.94 -16.55 2.51
CA LEU B 67 4.83 -15.10 2.29
C LEU B 67 6.09 -14.36 2.77
N GLY B 68 7.09 -15.10 3.24
CA GLY B 68 8.35 -14.49 3.63
C GLY B 68 9.07 -13.87 2.44
N GLY B 69 9.72 -12.73 2.67
CA GLY B 69 10.49 -12.05 1.63
C GLY B 69 9.70 -11.07 0.77
N PHE B 70 8.40 -10.91 1.05
CA PHE B 70 7.56 -9.95 0.32
C PHE B 70 7.36 -8.63 1.10
N ASP B 71 7.40 -7.51 0.38
CA ASP B 71 7.10 -6.18 1.01
C ASP B 71 5.61 -6.07 1.33
N ALA B 72 4.78 -6.69 0.49
CA ALA B 72 3.35 -6.60 0.65
C ALA B 72 2.64 -7.83 0.12
N VAL B 73 1.51 -8.15 0.75
CA VAL B 73 0.61 -9.19 0.29
C VAL B 73 -0.72 -8.58 -0.07
N ILE B 74 -1.23 -8.83 -1.29
CA ILE B 74 -2.55 -8.44 -1.69
C ILE B 74 -3.46 -9.67 -1.76
N SER B 75 -4.57 -9.66 -1.04
CA SER B 75 -5.55 -10.70 -1.21
C SER B 75 -6.32 -10.49 -2.49
N ALA B 76 -6.40 -11.56 -3.24
CA ALA B 76 -7.34 -11.65 -4.35
C ALA B 76 -8.19 -12.89 -4.12
N ALA B 77 -8.46 -13.12 -2.84
CA ALA B 77 -9.18 -14.31 -2.39
C ALA B 77 -10.58 -13.94 -1.85
N PRO B 78 -11.46 -14.93 -1.63
CA PRO B 78 -12.71 -14.57 -0.98
C PRO B 78 -12.49 -13.88 0.39
N PHE B 79 -13.46 -13.02 0.77
CA PHE B 79 -13.39 -12.27 2.06
C PHE B 79 -13.19 -13.16 3.26
N PHE B 80 -13.74 -14.38 3.19
CA PHE B 80 -13.63 -15.27 4.31
C PHE B 80 -12.21 -15.77 4.58
N LEU B 81 -11.29 -15.55 3.66
CA LEU B 81 -9.89 -15.90 3.92
C LEU B 81 -9.06 -14.74 4.46
N THR B 82 -9.65 -13.55 4.54
CA THR B 82 -8.92 -12.39 4.99
C THR B 82 -8.21 -12.58 6.31
N PRO B 83 -8.92 -13.04 7.36
CA PRO B 83 -8.15 -13.14 8.60
C PRO B 83 -6.94 -14.11 8.50
N ILE B 84 -7.07 -15.17 7.71
CA ILE B 84 -6.02 -16.14 7.62
C ILE B 84 -4.84 -15.52 6.85
N ILE B 85 -5.18 -14.89 5.74
CA ILE B 85 -4.15 -14.23 4.94
C ILE B 85 -3.49 -13.07 5.69
N ALA B 86 -4.29 -12.26 6.39
CA ALA B 86 -3.72 -11.12 7.15
C ALA B 86 -2.76 -11.60 8.24
N LYS B 87 -3.11 -12.72 8.89
CA LYS B 87 -2.25 -13.23 9.98
C LYS B 87 -0.91 -13.73 9.42
N ALA B 88 -0.97 -14.46 8.31
CA ALA B 88 0.25 -14.99 7.66
C ALA B 88 1.16 -13.81 7.24
N ALA B 89 0.54 -12.83 6.60
CA ALA B 89 1.28 -11.63 6.11
C ALA B 89 1.97 -10.93 7.25
N LYS B 90 1.25 -10.71 8.34
CA LYS B 90 1.85 -10.07 9.53
C LYS B 90 2.98 -10.95 10.06
N ALA B 91 2.80 -12.28 10.10
CA ALA B 91 3.87 -13.15 10.61
C ALA B 91 5.13 -13.01 9.70
N ALA B 92 4.91 -12.91 8.39
CA ALA B 92 5.98 -12.81 7.44
C ALA B 92 6.59 -11.41 7.37
N GLY B 93 6.05 -10.45 8.12
CA GLY B 93 6.52 -9.05 8.07
C GLY B 93 6.17 -8.27 6.81
N ALA B 94 5.10 -8.65 6.15
CA ALA B 94 4.66 -8.03 4.92
C ALA B 94 3.46 -7.15 5.24
N HIS B 95 3.32 -6.02 4.58
CA HIS B 95 2.11 -5.23 4.63
C HIS B 95 0.96 -5.97 3.97
N TYR B 96 -0.26 -5.78 4.44
CA TYR B 96 -1.41 -6.53 3.92
C TYR B 96 -2.44 -5.58 3.31
N PHE B 97 -2.94 -5.90 2.13
CA PHE B 97 -3.85 -5.06 1.40
C PHE B 97 -5.01 -5.97 0.98
N ASP B 98 -6.17 -5.68 1.57
CA ASP B 98 -7.32 -6.55 1.53
C ASP B 98 -8.23 -6.28 0.37
N LEU B 99 -7.71 -6.37 -0.85
CA LEU B 99 -8.54 -6.19 -2.01
C LEU B 99 -9.70 -7.20 -2.11
N THR B 100 -9.35 -8.46 -1.99
CA THR B 100 -10.25 -9.62 -2.21
C THR B 100 -10.62 -9.87 -3.66
N GLU B 101 -11.26 -11.01 -3.87
CA GLU B 101 -11.62 -11.50 -5.21
C GLU B 101 -12.78 -10.70 -5.83
N ASP B 102 -13.49 -9.92 -5.01
CA ASP B 102 -14.74 -9.30 -5.44
C ASP B 102 -15.03 -8.18 -4.47
N VAL B 103 -14.63 -7.01 -4.90
CA VAL B 103 -14.70 -5.82 -4.06
C VAL B 103 -16.15 -5.48 -3.67
N ALA B 104 -17.10 -5.64 -4.59
CA ALA B 104 -18.53 -5.37 -4.26
C ALA B 104 -19.02 -6.30 -3.14
N ALA B 105 -18.71 -7.58 -3.27
CA ALA B 105 -19.16 -8.59 -2.31
C ALA B 105 -18.53 -8.29 -0.95
N THR B 106 -17.26 -7.93 -0.97
CA THR B 106 -16.52 -7.73 0.28
C THR B 106 -16.99 -6.48 0.99
N ASN B 107 -17.23 -5.42 0.23
CA ASN B 107 -17.85 -4.24 0.77
C ASN B 107 -19.19 -4.46 1.39
N ALA B 108 -20.07 -5.22 0.74
CA ALA B 108 -21.36 -5.52 1.39
C ALA B 108 -21.13 -6.15 2.78
N VAL B 109 -20.17 -7.07 2.89
CA VAL B 109 -19.94 -7.72 4.18
C VAL B 109 -19.40 -6.70 5.19
N ARG B 110 -18.49 -5.84 4.73
CA ARG B 110 -17.96 -4.77 5.60
C ARG B 110 -19.09 -3.88 6.08
N ALA B 111 -19.97 -3.49 5.17
CA ALA B 111 -21.16 -2.65 5.48
C ALA B 111 -22.07 -3.29 6.54
N LEU B 112 -22.33 -4.59 6.35
CA LEU B 112 -23.12 -5.39 7.29
C LEU B 112 -22.46 -5.40 8.68
N VAL B 113 -21.16 -5.66 8.75
CA VAL B 113 -20.47 -5.69 10.04
C VAL B 113 -20.72 -4.36 10.75
N GLU B 114 -20.64 -3.26 9.99
CA GLU B 114 -20.90 -1.93 10.58
C GLU B 114 -22.31 -1.73 11.03
N ASP B 115 -23.24 -1.97 10.12
CA ASP B 115 -24.67 -1.76 10.42
C ASP B 115 -25.14 -2.60 11.60
N SER B 116 -24.51 -3.76 11.84
CA SER B 116 -24.87 -4.61 12.98
C SER B 116 -24.58 -3.95 14.32
N GLN B 117 -23.73 -2.95 14.33
CA GLN B 117 -23.42 -2.26 15.57
C GLN B 117 -24.26 -0.97 15.66
N THR B 118 -24.93 -0.65 14.55
CA THR B 118 -25.64 0.63 14.37
C THR B 118 -26.81 0.46 13.41
#